data_7NS1
#
_entry.id   7NS1
#
_entity_poly.entity_id   1
_entity_poly.type   'polypeptide(L)'
_entity_poly.pdbx_seq_one_letter_code
;MITISTMLQFGLFLIALIGLVIKLIELSNKK
;
_entity_poly.pdbx_strand_id   A
#
# COMPACT_ATOMS: atom_id res chain seq x y z
N MET A 1 -2.65 19.23 4.33
CA MET A 1 -3.36 19.17 5.64
C MET A 1 -3.43 17.72 6.10
N ILE A 2 -3.06 17.46 7.35
CA ILE A 2 -3.09 16.10 7.88
C ILE A 2 -3.95 16.05 9.14
N THR A 3 -4.80 15.03 9.23
CA THR A 3 -5.66 14.90 10.39
C THR A 3 -5.58 13.48 10.97
N ILE A 4 -5.97 13.33 12.22
CA ILE A 4 -5.94 12.02 12.87
C ILE A 4 -6.88 11.06 12.14
N SER A 5 -8.07 11.55 11.80
CA SER A 5 -9.04 10.72 11.09
C SER A 5 -8.47 10.31 9.74
N THR A 6 -7.82 11.27 9.07
CA THR A 6 -7.23 11.00 7.76
C THR A 6 -5.86 10.36 7.92
N MET A 7 -5.32 10.41 9.13
CA MET A 7 -4.00 9.83 9.38
C MET A 7 -4.01 8.35 9.06
N LEU A 8 -5.06 7.66 9.52
CA LEU A 8 -5.18 6.23 9.25
C LEU A 8 -5.33 6.00 7.74
N GLN A 9 -6.10 6.87 7.11
CA GLN A 9 -6.30 6.77 5.66
C GLN A 9 -4.98 6.94 4.92
N PHE A 10 -4.17 7.90 5.37
CA PHE A 10 -2.89 8.15 4.74
C PHE A 10 -2.00 6.92 4.85
N GLY A 11 -1.92 6.35 6.05
CA GLY A 11 -1.10 5.16 6.26
C GLY A 11 -1.62 3.99 5.43
N LEU A 12 -2.95 3.86 5.40
CA LEU A 12 -3.59 2.77 4.65
C LEU A 12 -3.25 2.89 3.17
N PHE A 13 -3.29 4.11 2.65
CA PHE A 13 -3.00 4.33 1.23
C PHE A 13 -1.59 3.84 0.89
N LEU A 14 -0.61 4.20 1.71
CA LEU A 14 0.76 3.75 1.47
C LEU A 14 0.86 2.23 1.58
N ILE A 15 0.17 1.68 2.58
CA ILE A 15 0.17 0.24 2.79
C ILE A 15 -0.40 -0.48 1.58
N ALA A 16 -1.50 0.04 1.06
CA ALA A 16 -2.14 -0.58 -0.11
C ALA A 16 -1.18 -0.61 -1.29
N LEU A 17 -0.42 0.47 -1.46
CA LEU A 17 0.54 0.53 -2.56
C LEU A 17 1.61 -0.54 -2.38
N ILE A 18 2.06 -0.72 -1.14
CA ILE A 18 3.09 -1.72 -0.85
C ILE A 18 2.56 -3.11 -1.15
N GLY A 19 1.33 -3.38 -0.72
CA GLY A 19 0.72 -4.69 -0.95
C GLY A 19 0.57 -4.96 -2.45
N LEU A 20 0.15 -3.94 -3.19
CA LEU A 20 -0.02 -4.08 -4.63
C LEU A 20 1.31 -4.43 -5.30
N VAL A 21 2.36 -3.72 -4.91
CA VAL A 21 3.68 -3.96 -5.48
C VAL A 21 4.14 -5.38 -5.14
N ILE A 22 3.96 -5.76 -3.87
CA ILE A 22 4.35 -7.09 -3.45
C ILE A 22 3.53 -8.14 -4.19
N LYS A 23 2.22 -7.91 -4.29
CA LYS A 23 1.37 -8.86 -4.99
C LYS A 23 1.76 -8.92 -6.46
N LEU A 24 1.98 -7.75 -7.06
CA LEU A 24 2.34 -7.68 -8.47
C LEU A 24 3.68 -8.39 -8.71
N ILE A 25 4.63 -8.13 -7.82
CA ILE A 25 5.96 -8.72 -7.95
C ILE A 25 5.87 -10.24 -7.91
N GLU A 26 4.80 -10.76 -7.32
CA GLU A 26 4.61 -12.21 -7.22
C GLU A 26 4.54 -12.85 -8.60
N LEU A 27 3.87 -12.18 -9.53
CA LEU A 27 3.74 -12.72 -10.88
C LEU A 27 5.11 -12.86 -11.53
N SER A 28 5.97 -11.88 -11.31
CA SER A 28 7.32 -11.90 -11.88
C SER A 28 8.09 -13.11 -11.39
N ASN A 29 7.93 -13.43 -10.10
CA ASN A 29 8.62 -14.58 -9.52
C ASN A 29 7.65 -15.75 -9.41
N LYS A 30 6.55 -15.69 -10.15
CA LYS A 30 5.57 -16.78 -10.10
C LYS A 30 6.23 -18.11 -10.40
N LYS A 31 5.61 -19.19 -9.96
CA LYS A 31 6.15 -20.52 -10.18
C LYS A 31 5.29 -21.26 -11.19
N MET A 1 -3.15 17.76 3.71
CA MET A 1 -4.10 17.71 4.86
C MET A 1 -3.76 16.50 5.72
N ILE A 2 -3.05 16.74 6.82
CA ILE A 2 -2.68 15.66 7.73
C ILE A 2 -3.48 15.75 9.03
N THR A 3 -4.42 14.83 9.20
CA THR A 3 -5.25 14.81 10.39
C THR A 3 -5.31 13.40 10.98
N ILE A 4 -5.72 13.31 12.24
CA ILE A 4 -5.83 12.02 12.90
C ILE A 4 -6.86 11.14 12.18
N SER A 5 -7.99 11.72 11.82
CA SER A 5 -9.03 10.99 11.11
C SER A 5 -8.53 10.53 9.76
N THR A 6 -7.75 11.39 9.10
CA THR A 6 -7.20 11.06 7.78
C THR A 6 -5.85 10.37 7.93
N MET A 7 -5.31 10.38 9.14
CA MET A 7 -4.01 9.78 9.40
C MET A 7 -4.05 8.29 9.07
N LEU A 8 -5.10 7.61 9.51
CA LEU A 8 -5.25 6.19 9.24
C LEU A 8 -5.38 5.94 7.74
N GLN A 9 -6.14 6.81 7.07
CA GLN A 9 -6.33 6.71 5.63
C GLN A 9 -5.00 6.89 4.89
N PHE A 10 -4.21 7.85 5.35
CA PHE A 10 -2.92 8.12 4.74
C PHE A 10 -2.02 6.89 4.84
N GLY A 11 -1.94 6.32 6.04
CA GLY A 11 -1.13 5.14 6.26
C GLY A 11 -1.66 3.95 5.47
N LEU A 12 -2.99 3.83 5.44
CA LEU A 12 -3.62 2.73 4.70
C LEU A 12 -3.31 2.84 3.22
N PHE A 13 -3.35 4.06 2.69
CA PHE A 13 -3.09 4.29 1.28
C PHE A 13 -1.70 3.79 0.91
N LEU A 14 -0.71 4.16 1.72
CA LEU A 14 0.67 3.73 1.48
C LEU A 14 0.78 2.21 1.59
N ILE A 15 0.11 1.65 2.58
CA ILE A 15 0.13 0.21 2.79
C ILE A 15 -0.45 -0.51 1.59
N ALA A 16 -1.56 0.01 1.06
CA ALA A 16 -2.21 -0.61 -0.09
C ALA A 16 -1.26 -0.65 -1.27
N LEU A 17 -0.51 0.44 -1.46
CA LEU A 17 0.45 0.51 -2.56
C LEU A 17 1.54 -0.55 -2.39
N ILE A 18 2.00 -0.73 -1.16
CA ILE A 18 3.02 -1.72 -0.88
C ILE A 18 2.52 -3.13 -1.19
N GLY A 19 1.29 -3.41 -0.75
CA GLY A 19 0.69 -4.72 -1.00
C GLY A 19 0.53 -4.97 -2.49
N LEU A 20 0.10 -3.95 -3.23
CA LEU A 20 -0.08 -4.07 -4.66
C LEU A 20 1.25 -4.39 -5.34
N VAL A 21 2.30 -3.66 -4.96
CA VAL A 21 3.61 -3.87 -5.53
C VAL A 21 4.13 -5.26 -5.17
N ILE A 22 3.94 -5.65 -3.91
CA ILE A 22 4.39 -6.96 -3.45
C ILE A 22 3.66 -8.07 -4.21
N LYS A 23 2.35 -7.90 -4.38
CA LYS A 23 1.56 -8.90 -5.09
C LYS A 23 2.02 -9.02 -6.54
N LEU A 24 2.23 -7.87 -7.18
CA LEU A 24 2.69 -7.86 -8.56
C LEU A 24 4.13 -8.38 -8.68
N ILE A 25 4.97 -7.95 -7.75
CA ILE A 25 6.36 -8.37 -7.74
C ILE A 25 6.47 -9.89 -7.68
N GLU A 26 5.46 -10.51 -7.08
CA GLU A 26 5.43 -11.97 -6.96
C GLU A 26 5.28 -12.61 -8.34
N LEU A 27 4.44 -12.01 -9.17
CA LEU A 27 4.21 -12.52 -10.52
C LEU A 27 5.50 -12.47 -11.34
N SER A 28 6.24 -11.37 -11.19
CA SER A 28 7.49 -11.21 -11.93
C SER A 28 8.49 -12.30 -11.53
N ASN A 29 8.52 -12.62 -10.24
CA ASN A 29 9.43 -13.63 -9.74
C ASN A 29 8.77 -15.01 -9.80
N LYS A 30 7.64 -15.10 -10.49
CA LYS A 30 6.92 -16.35 -10.61
C LYS A 30 7.82 -17.43 -11.22
N LYS A 31 7.52 -18.68 -10.91
CA LYS A 31 8.33 -19.80 -11.44
C LYS A 31 7.47 -20.66 -12.36
N MET A 1 0.03 18.59 6.20
CA MET A 1 -1.04 18.67 7.24
C MET A 1 -1.98 17.49 7.08
N ILE A 2 -1.99 16.60 8.06
CA ILE A 2 -2.86 15.43 8.02
C ILE A 2 -3.64 15.30 9.32
N THR A 3 -4.95 15.06 9.21
CA THR A 3 -5.80 14.92 10.38
C THR A 3 -5.71 13.51 10.95
N ILE A 4 -6.13 13.35 12.20
CA ILE A 4 -6.11 12.04 12.83
C ILE A 4 -7.00 11.06 12.08
N SER A 5 -8.19 11.51 11.70
CA SER A 5 -9.12 10.68 10.95
C SER A 5 -8.53 10.31 9.60
N THR A 6 -7.87 11.27 8.96
CA THR A 6 -7.24 11.02 7.67
C THR A 6 -5.87 10.39 7.86
N MET A 7 -5.36 10.44 9.09
CA MET A 7 -4.04 9.88 9.38
C MET A 7 -4.02 8.38 9.06
N LEU A 8 -5.05 7.66 9.50
CA LEU A 8 -5.15 6.24 9.23
C LEU A 8 -5.25 5.98 7.72
N GLN A 9 -6.02 6.84 7.04
CA GLN A 9 -6.17 6.70 5.60
C GLN A 9 -4.83 6.88 4.89
N PHE A 10 -4.06 7.86 5.35
CA PHE A 10 -2.75 8.12 4.75
C PHE A 10 -1.85 6.90 4.89
N GLY A 11 -1.79 6.34 6.09
CA GLY A 11 -0.98 5.15 6.34
C GLY A 11 -1.50 3.96 5.54
N LEU A 12 -2.82 3.82 5.51
CA LEU A 12 -3.43 2.72 4.77
C LEU A 12 -3.12 2.83 3.28
N PHE A 13 -3.18 4.05 2.76
CA PHE A 13 -2.90 4.29 1.34
C PHE A 13 -1.50 3.79 0.99
N LEU A 14 -0.53 4.16 1.80
CA LEU A 14 0.86 3.74 1.56
C LEU A 14 0.97 2.22 1.66
N ILE A 15 0.29 1.64 2.64
CA ILE A 15 0.32 0.20 2.83
C ILE A 15 -0.27 -0.50 1.62
N ALA A 16 -1.38 0.03 1.12
CA ALA A 16 -2.04 -0.56 -0.05
C ALA A 16 -1.08 -0.60 -1.24
N LEU A 17 -0.32 0.48 -1.42
CA LEU A 17 0.64 0.54 -2.52
C LEU A 17 1.70 -0.54 -2.37
N ILE A 18 2.19 -0.71 -1.15
CA ILE A 18 3.20 -1.73 -0.89
C ILE A 18 2.65 -3.13 -1.15
N GLY A 19 1.45 -3.39 -0.66
CA GLY A 19 0.81 -4.69 -0.86
C GLY A 19 0.54 -4.93 -2.33
N LEU A 20 0.08 -3.89 -3.04
CA LEU A 20 -0.21 -4.00 -4.46
C LEU A 20 1.07 -4.34 -5.23
N VAL A 21 2.15 -3.65 -4.91
CA VAL A 21 3.42 -3.89 -5.57
C VAL A 21 3.90 -5.32 -5.30
N ILE A 22 3.79 -5.75 -4.05
CA ILE A 22 4.21 -7.10 -3.69
C ILE A 22 3.38 -8.14 -4.41
N LYS A 23 2.07 -7.91 -4.48
CA LYS A 23 1.18 -8.84 -5.15
C LYS A 23 1.53 -8.95 -6.64
N LEU A 24 1.86 -7.82 -7.25
CA LEU A 24 2.24 -7.79 -8.65
C LEU A 24 3.50 -8.62 -8.89
N ILE A 25 4.44 -8.53 -7.96
CA ILE A 25 5.69 -9.27 -8.08
C ILE A 25 5.42 -10.73 -8.44
N GLU A 26 4.30 -11.25 -7.97
CA GLU A 26 3.92 -12.63 -8.26
C GLU A 26 3.62 -12.80 -9.74
N LEU A 27 3.03 -11.77 -10.35
CA LEU A 27 2.67 -11.82 -11.76
C LEU A 27 3.82 -11.27 -12.62
N SER A 28 4.89 -10.85 -11.95
CA SER A 28 6.04 -10.30 -12.67
C SER A 28 6.62 -11.35 -13.61
N ASN A 29 6.84 -12.55 -13.11
CA ASN A 29 7.39 -13.62 -13.92
C ASN A 29 6.28 -14.37 -14.67
N LYS A 30 5.05 -13.87 -14.52
CA LYS A 30 3.90 -14.49 -15.19
C LYS A 30 3.47 -13.65 -16.38
N LYS A 31 2.94 -14.31 -17.41
CA LYS A 31 2.48 -13.62 -18.60
C LYS A 31 1.24 -14.30 -19.18
N MET A 1 -1.58 18.54 4.33
CA MET A 1 -2.35 18.57 5.60
C MET A 1 -2.55 17.14 6.09
N ILE A 2 -2.25 16.89 7.36
CA ILE A 2 -2.42 15.56 7.92
C ILE A 2 -3.29 15.63 9.16
N THR A 3 -4.25 14.71 9.29
CA THR A 3 -5.15 14.71 10.43
C THR A 3 -5.20 13.31 11.03
N ILE A 4 -5.64 13.22 12.28
CA ILE A 4 -5.75 11.91 12.93
C ILE A 4 -6.77 11.07 12.18
N SER A 5 -7.89 11.69 11.83
CA SER A 5 -8.96 11.01 11.11
C SER A 5 -8.47 10.55 9.74
N THR A 6 -7.69 11.39 9.08
CA THR A 6 -7.16 11.06 7.76
C THR A 6 -5.82 10.34 7.90
N MET A 7 -5.27 10.35 9.10
CA MET A 7 -3.98 9.71 9.36
C MET A 7 -4.03 8.22 9.04
N LEU A 8 -5.08 7.56 9.51
CA LEU A 8 -5.22 6.12 9.25
C LEU A 8 -5.34 5.88 7.75
N GLN A 9 -6.13 6.76 7.12
CA GLN A 9 -6.33 6.68 5.68
C GLN A 9 -5.01 6.88 4.94
N PHE A 10 -4.24 7.86 5.38
CA PHE A 10 -2.95 8.13 4.75
C PHE A 10 -2.05 6.90 4.87
N GLY A 11 -1.98 6.34 6.06
CA GLY A 11 -1.16 5.15 6.28
C GLY A 11 -1.68 3.98 5.46
N LEU A 12 -3.01 3.85 5.42
CA LEU A 12 -3.63 2.76 4.66
C LEU A 12 -3.29 2.86 3.18
N PHE A 13 -3.36 4.09 2.66
CA PHE A 13 -3.07 4.31 1.25
C PHE A 13 -1.66 3.84 0.89
N LEU A 14 -0.68 4.23 1.71
CA LEU A 14 0.69 3.81 1.45
C LEU A 14 0.82 2.29 1.57
N ILE A 15 0.13 1.72 2.56
CA ILE A 15 0.17 0.29 2.78
C ILE A 15 -0.41 -0.45 1.58
N ALA A 16 -1.52 0.04 1.05
CA ALA A 16 -2.15 -0.59 -0.10
C ALA A 16 -1.19 -0.62 -1.29
N LEU A 17 -0.44 0.46 -1.47
CA LEU A 17 0.51 0.51 -2.57
C LEU A 17 1.57 -0.56 -2.42
N ILE A 18 2.04 -0.74 -1.19
CA ILE A 18 3.06 -1.74 -0.91
C ILE A 18 2.53 -3.14 -1.22
N GLY A 19 1.31 -3.41 -0.77
CA GLY A 19 0.70 -4.72 -1.03
C GLY A 19 0.54 -4.95 -2.52
N LEU A 20 0.11 -3.92 -3.23
CA LEU A 20 -0.07 -4.03 -4.68
C LEU A 20 1.26 -4.36 -5.35
N VAL A 21 2.31 -3.65 -4.94
CA VAL A 21 3.63 -3.89 -5.51
C VAL A 21 4.08 -5.30 -5.13
N ILE A 22 3.88 -5.66 -3.88
CA ILE A 22 4.27 -6.98 -3.40
C ILE A 22 3.49 -8.06 -4.15
N LYS A 23 2.19 -7.85 -4.33
CA LYS A 23 1.39 -8.84 -5.04
C LYS A 23 1.91 -9.02 -6.46
N LEU A 24 2.18 -7.91 -7.14
CA LEU A 24 2.69 -7.96 -8.50
C LEU A 24 4.09 -8.56 -8.56
N ILE A 25 4.94 -8.20 -7.61
CA ILE A 25 6.30 -8.71 -7.60
C ILE A 25 6.29 -10.23 -7.51
N GLU A 26 5.27 -10.76 -6.86
CA GLU A 26 5.12 -12.20 -6.71
C GLU A 26 4.95 -12.87 -8.08
N LEU A 27 4.19 -12.21 -8.95
CA LEU A 27 3.94 -12.73 -10.28
C LEU A 27 5.25 -12.85 -11.07
N SER A 28 6.10 -11.84 -10.90
CA SER A 28 7.39 -11.80 -11.58
C SER A 28 8.25 -13.00 -11.18
N ASN A 29 8.20 -13.35 -9.90
CA ASN A 29 8.99 -14.46 -9.39
C ASN A 29 8.18 -15.74 -9.39
N LYS A 30 7.00 -15.71 -10.02
CA LYS A 30 6.14 -16.88 -10.07
C LYS A 30 6.09 -17.44 -11.50
N LYS A 31 5.69 -18.70 -11.62
CA LYS A 31 5.58 -19.33 -12.92
C LYS A 31 4.15 -19.26 -13.45
N MET A 1 -3.13 17.73 3.64
CA MET A 1 -3.90 17.81 4.91
C MET A 1 -3.62 16.56 5.75
N ILE A 2 -2.96 16.75 6.89
CA ILE A 2 -2.66 15.64 7.77
C ILE A 2 -3.48 15.71 9.06
N THR A 3 -4.42 14.80 9.21
CA THR A 3 -5.27 14.78 10.40
C THR A 3 -5.32 13.37 10.99
N ILE A 4 -5.74 13.28 12.25
CA ILE A 4 -5.84 11.99 12.92
C ILE A 4 -6.87 11.11 12.21
N SER A 5 -8.00 11.70 11.85
CA SER A 5 -9.05 10.96 11.15
C SER A 5 -8.55 10.49 9.79
N THR A 6 -7.78 11.34 9.12
CA THR A 6 -7.23 11.00 7.82
C THR A 6 -5.87 10.33 7.97
N MET A 7 -5.33 10.35 9.17
CA MET A 7 -4.02 9.75 9.43
C MET A 7 -4.06 8.26 9.09
N LEU A 8 -5.11 7.59 9.54
CA LEU A 8 -5.27 6.16 9.26
C LEU A 8 -5.41 5.93 7.75
N GLN A 9 -6.17 6.80 7.10
CA GLN A 9 -6.38 6.69 5.66
C GLN A 9 -5.06 6.89 4.92
N PHE A 10 -4.28 7.87 5.36
CA PHE A 10 -2.99 8.14 4.73
C PHE A 10 -2.08 6.92 4.82
N GLY A 11 -1.99 6.34 6.02
CA GLY A 11 -1.15 5.17 6.22
C GLY A 11 -1.67 3.98 5.40
N LEU A 12 -3.00 3.85 5.37
CA LEU A 12 -3.62 2.75 4.62
C LEU A 12 -3.30 2.88 3.14
N PHE A 13 -3.36 4.11 2.63
CA PHE A 13 -3.08 4.35 1.22
C PHE A 13 -1.68 3.86 0.85
N LEU A 14 -0.70 4.24 1.67
CA LEU A 14 0.68 3.81 1.44
C LEU A 14 0.80 2.29 1.56
N ILE A 15 0.12 1.73 2.55
CA ILE A 15 0.15 0.29 2.76
C ILE A 15 -0.41 -0.44 1.55
N ALA A 16 -1.52 0.07 1.03
CA ALA A 16 -2.17 -0.55 -0.13
C ALA A 16 -1.20 -0.60 -1.31
N LEU A 17 -0.44 0.48 -1.48
CA LEU A 17 0.53 0.54 -2.58
C LEU A 17 1.60 -0.54 -2.41
N ILE A 18 2.06 -0.73 -1.18
CA ILE A 18 3.07 -1.73 -0.89
C ILE A 18 2.54 -3.13 -1.19
N GLY A 19 1.31 -3.39 -0.75
CA GLY A 19 0.69 -4.69 -0.99
C GLY A 19 0.53 -4.95 -2.48
N LEU A 20 0.12 -3.91 -3.21
CA LEU A 20 -0.06 -4.05 -4.66
C LEU A 20 1.26 -4.40 -5.32
N VAL A 21 2.32 -3.69 -4.94
CA VAL A 21 3.64 -3.94 -5.50
C VAL A 21 4.12 -5.35 -5.14
N ILE A 22 3.92 -5.73 -3.88
CA ILE A 22 4.33 -7.05 -3.41
C ILE A 22 3.57 -8.13 -4.17
N LYS A 23 2.27 -7.93 -4.35
CA LYS A 23 1.45 -8.91 -5.06
C LYS A 23 1.95 -9.09 -6.49
N LEU A 24 2.26 -7.98 -7.15
CA LEU A 24 2.76 -8.03 -8.51
C LEU A 24 4.16 -8.63 -8.56
N ILE A 25 4.98 -8.27 -7.58
CA ILE A 25 6.35 -8.76 -7.51
C ILE A 25 6.36 -10.28 -7.41
N GLU A 26 5.26 -10.85 -6.92
CA GLU A 26 5.15 -12.29 -6.77
C GLU A 26 5.24 -12.99 -8.13
N LEU A 27 4.63 -12.37 -9.14
CA LEU A 27 4.64 -12.94 -10.48
C LEU A 27 6.06 -13.03 -11.01
N SER A 28 6.86 -12.01 -10.74
CA SER A 28 8.25 -11.99 -11.20
C SER A 28 9.14 -12.77 -10.25
N ASN A 29 10.37 -12.32 -10.10
CA ASN A 29 11.32 -12.99 -9.22
C ASN A 29 11.20 -12.48 -7.79
N LYS A 30 10.08 -12.82 -7.15
CA LYS A 30 9.85 -12.39 -5.78
C LYS A 30 10.75 -13.17 -4.81
N LYS A 31 10.59 -12.91 -3.52
CA LYS A 31 11.40 -13.60 -2.51
C LYS A 31 10.49 -14.18 -1.43
#